data_8FAS
#
_entry.id   8FAS
#
_cell.length_a   54.237
_cell.length_b   61.352
_cell.length_c   135.532
_cell.angle_alpha   90.00
_cell.angle_beta   90.00
_cell.angle_gamma   90.00
#
_symmetry.space_group_name_H-M   'P 21 21 21'
#
loop_
_entity.id
_entity.type
_entity.pdbx_description
1 polymer 'Ky230 Antibody, heavy chain'
2 polymer 'Ky230 Antibody, light chain'
3 polymer 'Circumsporozoite protein NANP5 peptide'
4 non-polymer 1,2-ETHANEDIOL
5 water water
#
loop_
_entity_poly.entity_id
_entity_poly.type
_entity_poly.pdbx_seq_one_letter_code
_entity_poly.pdbx_strand_id
1 'polypeptide(L)'
;QVQLVESGGGVVQPGRSLRLSCAASGFTFSDYGMHWVRQAPGKGLEWVAIIWHDGSNKYYVDSVKGRFTISRDNSKNTLY
LQMNSLRAEDTAVYYCARAASSFGSGFDYWGQGTLVTVSSASTKGPSVFPLAPSSKSTSGGTAALGCLVKDYFPEPVTVS
WNSGALTSGVHTFPAVLQSSGLYSLSSVVTVPSSSLGTQTYICNVNHKPSNTKVDKKVEPKSC
;
A
2 'polypeptide(L)'
;DVVMTQSPLSLPVTLGQPASIFCRSSQSLVYSDGNTYLNWFQRRPGQSPRRLIYKVSDRDSGVPDRFSGSGSGTDFTLQI
SRVEAEDVGVYYCMQGTHWPPTFGQGTKVEIKRTVAAPSVFIFPPSDEQLKSGTASVVCLLNNFYPREAKVQWKVDNALQ
SGNSQESVTEQDSKDSTYSLSSTLTLSKADYEKHKVYACEVTHQGLSSPVTKSFNRGEC
;
B
3 'polypeptide(L)' NANPNANPNANPNANPNANP C
#
loop_
_chem_comp.id
_chem_comp.type
_chem_comp.name
_chem_comp.formula
EDO non-polymer 1,2-ETHANEDIOL 'C2 H6 O2'
#
# COMPACT_ATOMS: atom_id res chain seq x y z
N GLN A 1 -9.97 -3.15 -18.95
CA GLN A 1 -11.23 -2.82 -18.30
C GLN A 1 -11.58 -3.84 -17.16
N VAL A 2 -10.87 -4.97 -17.04
CA VAL A 2 -11.05 -5.87 -15.89
C VAL A 2 -10.81 -5.12 -14.61
N GLN A 3 -11.76 -5.20 -13.67
CA GLN A 3 -11.67 -4.58 -12.37
C GLN A 3 -12.20 -5.53 -11.29
N LEU A 4 -11.45 -5.65 -10.21
CA LEU A 4 -11.87 -6.45 -9.06
C LEU A 4 -11.81 -5.57 -7.82
N VAL A 5 -12.89 -5.53 -7.04
CA VAL A 5 -12.95 -4.70 -5.84
C VAL A 5 -13.38 -5.51 -4.63
N GLU A 6 -12.46 -5.68 -3.68
CA GLU A 6 -12.77 -6.41 -2.46
C GLU A 6 -13.37 -5.49 -1.43
N SER A 7 -14.23 -6.06 -0.60
CA SER A 7 -14.87 -5.34 0.49
CA SER A 7 -14.78 -5.33 0.52
C SER A 7 -15.08 -6.27 1.68
N GLY A 8 -15.30 -5.66 2.85
CA GLY A 8 -15.74 -6.38 4.03
C GLY A 8 -14.69 -6.47 5.12
N GLY A 9 -13.46 -6.05 4.83
CA GLY A 9 -12.41 -6.10 5.84
C GLY A 9 -12.66 -5.16 7.00
N GLY A 10 -12.24 -5.60 8.18
CA GLY A 10 -12.38 -4.77 9.38
C GLY A 10 -11.91 -5.58 10.56
N VAL A 11 -12.29 -5.17 11.78
CA VAL A 11 -11.83 -5.93 12.95
C VAL A 11 -12.77 -7.09 13.19
N VAL A 12 -12.23 -8.21 13.69
CA VAL A 12 -13.06 -9.35 14.07
C VAL A 12 -12.40 -10.02 15.27
N GLN A 13 -13.24 -10.45 16.24
CA GLN A 13 -12.72 -11.12 17.44
C GLN A 13 -12.32 -12.56 17.13
N PRO A 14 -11.27 -13.08 17.77
CA PRO A 14 -10.89 -14.49 17.57
C PRO A 14 -12.09 -15.39 17.83
N GLY A 15 -12.28 -16.38 16.95
CA GLY A 15 -13.37 -17.34 17.06
C GLY A 15 -14.66 -16.91 16.39
N ARG A 16 -14.79 -15.63 16.00
CA ARG A 16 -16.01 -15.14 15.38
C ARG A 16 -15.85 -15.22 13.85
N SER A 17 -16.78 -14.60 13.12
CA SER A 17 -16.85 -14.77 11.68
CA SER A 17 -16.84 -14.76 11.68
C SER A 17 -16.88 -13.41 10.98
N LEU A 18 -16.52 -13.45 9.69
CA LEU A 18 -16.49 -12.26 8.84
C LEU A 18 -16.67 -12.72 7.40
N ARG A 19 -17.53 -12.04 6.63
N ARG A 19 -17.47 -11.99 6.62
CA ARG A 19 -17.65 -12.36 5.21
CA ARG A 19 -17.69 -12.31 5.21
C ARG A 19 -16.99 -11.26 4.38
C ARG A 19 -17.05 -11.26 4.32
N LEU A 20 -16.12 -11.68 3.45
CA LEU A 20 -15.57 -10.80 2.43
C LEU A 20 -16.29 -10.96 1.09
N SER A 21 -16.32 -9.87 0.32
N SER A 21 -16.29 -9.89 0.30
CA SER A 21 -16.90 -9.88 -1.01
CA SER A 21 -16.90 -9.95 -1.03
C SER A 21 -15.84 -9.37 -1.99
C SER A 21 -16.00 -9.23 -2.03
N CYS A 22 -16.07 -9.68 -3.27
CA CYS A 22 -15.24 -9.18 -4.35
C CYS A 22 -16.14 -8.93 -5.55
N ALA A 23 -16.24 -7.67 -5.95
CA ALA A 23 -17.13 -7.30 -7.05
C ALA A 23 -16.33 -7.23 -8.34
N ALA A 24 -16.77 -7.96 -9.36
CA ALA A 24 -16.06 -8.04 -10.62
C ALA A 24 -16.79 -7.24 -11.69
N SER A 25 -16.01 -6.62 -12.58
CA SER A 25 -16.55 -5.88 -13.70
C SER A 25 -15.56 -5.95 -14.86
N GLY A 26 -16.09 -5.74 -16.08
CA GLY A 26 -15.20 -5.63 -17.22
C GLY A 26 -14.82 -6.91 -17.91
N PHE A 27 -15.43 -8.04 -17.53
CA PHE A 27 -15.22 -9.31 -18.20
C PHE A 27 -16.43 -10.18 -17.90
N THR A 28 -16.52 -11.34 -18.56
CA THR A 28 -17.63 -12.25 -18.30
C THR A 28 -17.25 -13.08 -17.09
N PHE A 29 -17.81 -12.69 -15.95
CA PHE A 29 -17.43 -13.26 -14.66
C PHE A 29 -17.63 -14.76 -14.63
N SER A 30 -18.78 -15.23 -15.12
CA SER A 30 -19.07 -16.67 -15.14
C SER A 30 -18.13 -17.49 -16.01
N ASP A 31 -17.30 -16.85 -16.83
CA ASP A 31 -16.33 -17.61 -17.62
C ASP A 31 -15.07 -17.97 -16.84
N TYR A 32 -14.89 -17.44 -15.63
CA TYR A 32 -13.61 -17.54 -14.93
C TYR A 32 -13.74 -18.13 -13.53
N GLY A 33 -12.85 -19.06 -13.23
CA GLY A 33 -12.59 -19.37 -11.84
C GLY A 33 -12.01 -18.15 -11.13
N MET A 34 -12.02 -18.20 -9.80
CA MET A 34 -11.60 -17.07 -8.95
C MET A 34 -10.85 -17.57 -7.74
N HIS A 35 -9.83 -16.79 -7.33
CA HIS A 35 -9.03 -17.18 -6.19
C HIS A 35 -9.15 -16.15 -5.08
N TRP A 36 -8.88 -16.58 -3.85
CA TRP A 36 -8.44 -15.66 -2.79
C TRP A 36 -6.98 -15.91 -2.42
N VAL A 37 -6.22 -14.81 -2.20
CA VAL A 37 -4.81 -14.84 -1.81
C VAL A 37 -4.66 -13.86 -0.65
N ARG A 38 -3.76 -14.11 0.30
CA ARG A 38 -3.63 -13.13 1.39
C ARG A 38 -2.17 -12.78 1.65
N GLN A 39 -1.94 -11.62 2.27
CA GLN A 39 -0.58 -11.15 2.61
C GLN A 39 -0.65 -10.84 4.11
N ALA A 40 -0.06 -11.75 4.98
CA ALA A 40 -0.06 -11.62 6.45
C ALA A 40 1.31 -11.16 6.93
N PRO A 41 1.32 -10.40 8.06
CA PRO A 41 2.58 -10.01 8.73
C PRO A 41 3.55 -11.16 8.90
N GLY A 42 4.77 -11.03 8.36
CA GLY A 42 5.81 -12.05 8.52
C GLY A 42 5.65 -13.28 7.65
N LYS A 43 4.60 -13.35 6.86
CA LYS A 43 4.39 -14.53 6.03
C LYS A 43 4.48 -14.22 4.55
N GLY A 44 4.35 -12.96 4.17
CA GLY A 44 4.35 -12.71 2.74
C GLY A 44 3.06 -13.19 2.11
N LEU A 45 3.15 -13.57 0.84
CA LEU A 45 1.93 -13.94 0.12
C LEU A 45 1.63 -15.42 0.29
N GLU A 46 0.36 -15.73 0.53
CA GLU A 46 -0.13 -17.11 0.75
C GLU A 46 -1.41 -17.32 -0.07
N TRP A 47 -1.40 -18.34 -0.91
CA TRP A 47 -2.62 -18.75 -1.62
C TRP A 47 -3.61 -19.32 -0.61
N VAL A 48 -4.90 -18.95 -0.75
CA VAL A 48 -5.94 -19.35 0.20
C VAL A 48 -6.97 -20.34 -0.39
N ALA A 49 -7.56 -20.01 -1.55
CA ALA A 49 -8.69 -20.81 -2.04
C ALA A 49 -8.98 -20.53 -3.51
N ILE A 50 -9.65 -21.49 -4.16
CA ILE A 50 -10.14 -21.33 -5.52
C ILE A 50 -11.54 -21.89 -5.65
N ILE A 51 -12.34 -21.27 -6.53
CA ILE A 51 -13.65 -21.78 -6.93
C ILE A 51 -13.74 -21.81 -8.46
N TRP A 52 -14.26 -22.92 -9.01
CA TRP A 52 -14.46 -23.00 -10.44
C TRP A 52 -15.43 -21.94 -10.96
N HIS A 53 -15.40 -21.75 -12.28
CA HIS A 53 -16.26 -20.79 -12.97
C HIS A 53 -17.74 -20.97 -12.61
N ASP A 54 -18.18 -22.22 -12.47
CA ASP A 54 -19.58 -22.56 -12.22
C ASP A 54 -19.86 -22.98 -10.78
N GLY A 55 -18.90 -22.79 -9.87
CA GLY A 55 -19.03 -23.27 -8.50
C GLY A 55 -18.91 -24.77 -8.28
N SER A 56 -18.49 -25.55 -9.29
CA SER A 56 -18.62 -27.01 -9.24
C SER A 56 -17.48 -27.69 -8.46
N ASN A 57 -16.36 -27.02 -8.31
CA ASN A 57 -15.21 -27.46 -7.54
C ASN A 57 -14.70 -26.30 -6.69
N LYS A 58 -14.21 -26.63 -5.49
CA LYS A 58 -13.62 -25.67 -4.58
C LYS A 58 -12.43 -26.33 -3.88
N TYR A 59 -11.33 -25.61 -3.75
CA TYR A 59 -10.15 -26.09 -3.02
C TYR A 59 -9.61 -25.01 -2.09
N TYR A 60 -8.92 -25.45 -1.05
CA TYR A 60 -8.50 -24.61 0.09
C TYR A 60 -7.11 -25.02 0.57
N VAL A 61 -6.31 -24.02 0.99
CA VAL A 61 -5.08 -24.34 1.71
C VAL A 61 -5.42 -25.01 3.04
N ASP A 62 -4.55 -25.92 3.48
CA ASP A 62 -4.89 -26.76 4.61
C ASP A 62 -5.33 -25.96 5.84
N SER A 63 -4.64 -24.87 6.12
CA SER A 63 -4.87 -24.16 7.39
C SER A 63 -6.23 -23.48 7.47
N VAL A 64 -6.92 -23.29 6.34
CA VAL A 64 -8.27 -22.71 6.41
C VAL A 64 -9.36 -23.74 6.16
N LYS A 65 -9.00 -24.99 5.85
CA LYS A 65 -10.05 -25.99 5.68
C LYS A 65 -10.84 -26.15 6.96
N GLY A 66 -12.15 -26.29 6.83
CA GLY A 66 -13.02 -26.39 7.96
C GLY A 66 -13.33 -25.07 8.61
N ARG A 67 -12.74 -23.99 8.11
CA ARG A 67 -12.98 -22.66 8.65
C ARG A 67 -13.50 -21.67 7.63
N PHE A 68 -12.94 -21.64 6.42
CA PHE A 68 -13.38 -20.73 5.37
C PHE A 68 -14.18 -21.48 4.31
N THR A 69 -15.13 -20.77 3.69
CA THR A 69 -15.93 -21.29 2.59
C THR A 69 -15.90 -20.25 1.46
N ILE A 70 -15.51 -20.69 0.25
CA ILE A 70 -15.55 -19.83 -0.93
C ILE A 70 -16.87 -20.10 -1.68
N SER A 71 -17.47 -19.02 -2.19
CA SER A 71 -18.70 -19.14 -2.97
C SER A 71 -18.78 -17.99 -3.94
N ARG A 72 -19.78 -18.03 -4.81
CA ARG A 72 -19.90 -16.99 -5.82
C ARG A 72 -21.35 -16.90 -6.27
N ASP A 73 -21.73 -15.70 -6.74
CA ASP A 73 -23.01 -15.49 -7.41
C ASP A 73 -22.77 -14.87 -8.80
N ASN A 74 -22.87 -15.70 -9.84
CA ASN A 74 -22.51 -15.20 -11.16
C ASN A 74 -23.44 -14.10 -11.64
N SER A 75 -24.72 -14.17 -11.28
CA SER A 75 -25.68 -13.14 -11.70
C SER A 75 -25.36 -11.78 -11.13
N LYS A 76 -24.64 -11.72 -9.99
CA LYS A 76 -24.28 -10.47 -9.34
C LYS A 76 -22.80 -10.15 -9.51
N ASN A 77 -22.10 -10.92 -10.35
CA ASN A 77 -20.68 -10.68 -10.61
C ASN A 77 -19.88 -10.55 -9.30
N THR A 78 -20.22 -11.38 -8.29
CA THR A 78 -19.59 -11.28 -6.97
C THR A 78 -19.02 -12.62 -6.49
N LEU A 79 -17.82 -12.54 -5.88
CA LEU A 79 -17.15 -13.64 -5.21
C LEU A 79 -17.22 -13.39 -3.69
N TYR A 80 -17.34 -14.48 -2.91
CA TYR A 80 -17.41 -14.36 -1.45
C TYR A 80 -16.36 -15.22 -0.79
N LEU A 81 -15.89 -14.78 0.39
CA LEU A 81 -15.12 -15.63 1.31
C LEU A 81 -15.81 -15.55 2.67
N GLN A 82 -16.41 -16.64 3.11
CA GLN A 82 -17.00 -16.69 4.44
C GLN A 82 -15.92 -17.20 5.38
N MET A 83 -15.46 -16.34 6.33
CA MET A 83 -14.39 -16.72 7.25
C MET A 83 -15.02 -16.99 8.61
N ASN A 84 -15.00 -18.24 9.07
CA ASN A 84 -15.44 -18.59 10.42
C ASN A 84 -14.24 -19.00 11.25
N SER A 85 -14.44 -19.10 12.57
CA SER A 85 -13.39 -19.61 13.47
C SER A 85 -12.09 -18.83 13.30
N LEU A 86 -12.18 -17.49 13.30
CA LEU A 86 -11.01 -16.68 12.97
C LEU A 86 -9.91 -16.87 14.01
N ARG A 87 -8.67 -16.81 13.54
CA ARG A 87 -7.48 -17.03 14.34
C ARG A 87 -6.57 -15.82 14.19
N ALA A 88 -5.68 -15.60 15.16
CA ALA A 88 -4.77 -14.45 15.03
C ALA A 88 -3.96 -14.48 13.73
N GLU A 89 -3.57 -15.67 13.26
CA GLU A 89 -2.81 -15.83 12.03
CA GLU A 89 -2.85 -15.93 12.01
C GLU A 89 -3.58 -15.40 10.79
N ASP A 90 -4.87 -15.10 10.93
CA ASP A 90 -5.66 -14.69 9.78
C ASP A 90 -5.57 -13.21 9.49
N THR A 91 -4.99 -12.40 10.39
CA THR A 91 -4.82 -10.96 10.08
C THR A 91 -3.94 -10.81 8.85
N ALA A 92 -4.47 -10.11 7.84
CA ALA A 92 -3.83 -10.08 6.53
C ALA A 92 -4.64 -9.17 5.61
N VAL A 93 -4.01 -8.76 4.52
CA VAL A 93 -4.73 -8.21 3.37
C VAL A 93 -5.20 -9.37 2.51
N TYR A 94 -6.50 -9.40 2.22
CA TYR A 94 -7.12 -10.45 1.38
C TYR A 94 -7.38 -9.89 -0.02
N TYR A 95 -6.86 -10.59 -1.03
CA TYR A 95 -7.06 -10.21 -2.43
C TYR A 95 -7.89 -11.25 -3.14
N CYS A 96 -8.76 -10.80 -4.01
CA CYS A 96 -9.31 -11.74 -4.98
C CYS A 96 -8.57 -11.62 -6.31
N ALA A 97 -8.56 -12.71 -7.07
CA ALA A 97 -7.76 -12.73 -8.29
C ALA A 97 -8.41 -13.65 -9.32
N ARG A 98 -8.33 -13.24 -10.58
CA ARG A 98 -9.03 -13.98 -11.65
C ARG A 98 -8.19 -15.18 -12.13
N ALA A 99 -8.77 -16.39 -12.11
CA ALA A 99 -8.01 -17.59 -12.42
C ALA A 99 -7.48 -17.67 -13.84
N ALA A 100 -6.24 -18.18 -13.94
CA ALA A 100 -5.65 -18.67 -15.18
C ALA A 100 -6.29 -19.99 -15.63
N SER A 101 -6.24 -20.25 -16.94
CA SER A 101 -6.84 -21.47 -17.48
C SER A 101 -6.03 -22.72 -17.18
N SER A 102 -4.86 -22.60 -16.57
CA SER A 102 -4.23 -23.70 -15.85
C SER A 102 -3.98 -23.25 -14.41
N PHE A 103 -4.38 -24.11 -13.47
CA PHE A 103 -4.24 -23.76 -12.06
C PHE A 103 -2.80 -23.38 -11.71
N GLY A 104 -1.84 -24.09 -12.29
CA GLY A 104 -0.44 -23.83 -11.94
C GLY A 104 0.08 -22.49 -12.39
N SER A 105 -0.61 -21.86 -13.35
CA SER A 105 -0.22 -20.52 -13.73
C SER A 105 -0.89 -19.46 -12.88
N GLY A 106 -1.65 -19.84 -11.87
CA GLY A 106 -2.19 -18.83 -10.94
C GLY A 106 -3.33 -18.02 -11.51
N PHE A 107 -3.13 -16.71 -11.62
CA PHE A 107 -4.19 -15.73 -11.75
C PHE A 107 -3.54 -14.50 -12.34
N ASP A 108 -4.30 -13.72 -13.12
CA ASP A 108 -3.68 -12.59 -13.81
C ASP A 108 -4.00 -11.25 -13.16
N TYR A 109 -5.27 -10.85 -13.13
CA TYR A 109 -5.72 -9.64 -12.44
C TYR A 109 -6.06 -9.87 -10.99
N TRP A 110 -5.73 -8.89 -10.14
CA TRP A 110 -6.05 -8.91 -8.74
C TRP A 110 -6.79 -7.61 -8.38
N GLY A 111 -7.48 -7.65 -7.22
CA GLY A 111 -8.01 -6.42 -6.64
C GLY A 111 -6.94 -5.74 -5.81
N GLN A 112 -7.32 -4.58 -5.23
CA GLN A 112 -6.38 -3.88 -4.35
C GLN A 112 -6.32 -4.44 -2.95
N GLY A 113 -7.28 -5.25 -2.56
CA GLY A 113 -7.23 -5.95 -1.31
C GLY A 113 -8.13 -5.31 -0.26
N THR A 114 -8.49 -6.12 0.73
CA THR A 114 -9.22 -5.64 1.91
C THR A 114 -8.54 -6.18 3.17
N LEU A 115 -8.35 -5.33 4.18
CA LEU A 115 -7.56 -5.70 5.36
C LEU A 115 -8.46 -6.26 6.46
N VAL A 116 -8.14 -7.46 6.93
CA VAL A 116 -8.83 -8.11 8.05
C VAL A 116 -7.90 -8.06 9.25
N THR A 117 -8.38 -7.50 10.36
CA THR A 117 -7.60 -7.40 11.59
C THR A 117 -8.27 -8.24 12.67
N VAL A 118 -7.60 -9.28 13.16
CA VAL A 118 -8.17 -10.09 14.23
C VAL A 118 -7.73 -9.50 15.56
N SER A 119 -8.69 -9.05 16.36
CA SER A 119 -8.41 -8.25 17.54
C SER A 119 -9.64 -8.16 18.41
N SER A 120 -9.41 -7.98 19.74
CA SER A 120 -10.51 -7.73 20.64
C SER A 120 -10.83 -6.26 20.84
N ALA A 121 -10.11 -5.38 20.15
CA ALA A 121 -10.27 -3.93 20.31
C ALA A 121 -11.47 -3.45 19.49
N SER A 122 -12.09 -2.36 19.97
CA SER A 122 -13.27 -1.78 19.31
C SER A 122 -12.90 -0.95 18.10
N THR A 123 -13.78 -0.96 17.11
CA THR A 123 -13.62 -0.06 15.98
CA THR A 123 -13.59 -0.04 15.98
C THR A 123 -13.83 1.41 16.41
N LYS A 124 -13.03 2.31 15.84
CA LYS A 124 -13.16 3.74 16.11
C LYS A 124 -12.88 4.51 14.82
N GLY A 125 -13.82 5.34 14.39
CA GLY A 125 -13.61 6.15 13.21
C GLY A 125 -12.78 7.39 13.50
N PRO A 126 -12.20 7.99 12.46
CA PRO A 126 -11.23 9.07 12.63
C PRO A 126 -11.89 10.45 12.76
N SER A 127 -11.11 11.38 13.32
CA SER A 127 -11.34 12.81 13.23
C SER A 127 -10.47 13.37 12.11
N VAL A 128 -11.00 14.31 11.32
CA VAL A 128 -10.29 14.84 10.16
C VAL A 128 -10.15 16.35 10.32
N PHE A 129 -8.92 16.85 10.16
CA PHE A 129 -8.61 18.26 10.37
C PHE A 129 -7.85 18.78 9.17
N PRO A 130 -8.08 20.04 8.79
CA PRO A 130 -7.38 20.59 7.61
C PRO A 130 -5.94 20.95 7.93
N LEU A 131 -5.06 20.74 6.95
CA LEU A 131 -3.70 21.34 6.95
C LEU A 131 -3.75 22.47 5.92
N ALA A 132 -4.07 23.69 6.39
CA ALA A 132 -4.33 24.80 5.46
C ALA A 132 -3.06 25.31 4.81
N PRO A 133 -3.10 25.66 3.53
CA PRO A 133 -1.94 26.31 2.91
C PRO A 133 -1.79 27.71 3.46
N SER A 134 -0.55 28.13 3.65
CA SER A 134 -0.25 29.44 4.23
C SER A 134 1.11 29.90 3.73
N SER A 135 1.56 31.06 4.21
CA SER A 135 2.89 31.55 3.85
C SER A 135 3.99 30.60 4.31
N LYS A 136 3.67 29.69 5.22
CA LYS A 136 4.63 28.76 5.77
C LYS A 136 4.64 27.43 5.02
N SER A 137 3.80 27.30 3.98
CA SER A 137 3.75 26.06 3.21
C SER A 137 3.82 26.34 1.72
N THR A 138 4.51 27.41 1.34
CA THR A 138 4.63 27.78 -0.05
C THR A 138 6.08 28.00 -0.41
N SER A 139 6.43 27.66 -1.64
CA SER A 139 7.75 27.97 -2.14
C SER A 139 7.74 27.98 -3.67
N GLY A 140 8.35 29.00 -4.28
CA GLY A 140 8.61 28.98 -5.71
C GLY A 140 7.36 28.91 -6.56
N GLY A 141 6.25 29.41 -6.04
CA GLY A 141 5.02 29.41 -6.78
C GLY A 141 4.13 28.22 -6.52
N THR A 142 4.55 27.29 -5.67
CA THR A 142 3.73 26.15 -5.31
CA THR A 142 3.83 26.09 -5.30
C THR A 142 3.37 26.22 -3.84
N ALA A 143 2.21 25.66 -3.51
CA ALA A 143 1.71 25.62 -2.17
C ALA A 143 1.38 24.19 -1.78
N ALA A 144 1.71 23.82 -0.56
CA ALA A 144 1.27 22.52 -0.02
C ALA A 144 0.09 22.68 0.94
N LEU A 145 -0.81 21.69 0.91
CA LEU A 145 -1.95 21.65 1.82
C LEU A 145 -2.28 20.17 2.06
N GLY A 146 -3.18 19.92 3.00
CA GLY A 146 -3.43 18.52 3.32
C GLY A 146 -4.57 18.33 4.28
N CYS A 147 -4.68 17.05 4.74
CA CYS A 147 -5.64 16.73 5.79
C CYS A 147 -4.93 15.81 6.77
N LEU A 148 -5.19 16.04 8.06
CA LEU A 148 -4.70 15.19 9.15
C LEU A 148 -5.85 14.28 9.59
N VAL A 149 -5.61 12.96 9.62
CA VAL A 149 -6.67 11.99 9.92
C VAL A 149 -6.25 11.28 11.21
N LYS A 150 -6.94 11.58 12.31
CA LYS A 150 -6.44 11.22 13.64
C LYS A 150 -7.34 10.22 14.34
N ASP A 151 -6.71 9.24 15.02
CA ASP A 151 -7.30 8.44 16.08
C ASP A 151 -8.33 7.45 15.57
N TYR A 152 -7.91 6.51 14.71
CA TYR A 152 -8.85 5.51 14.20
C TYR A 152 -8.30 4.11 14.45
N PHE A 153 -9.20 3.11 14.36
CA PHE A 153 -8.80 1.73 14.54
C PHE A 153 -9.88 0.87 13.94
N PRO A 154 -9.54 -0.23 13.24
CA PRO A 154 -8.23 -0.68 12.81
C PRO A 154 -7.83 0.10 11.53
N GLU A 155 -6.69 -0.27 10.95
CA GLU A 155 -6.40 0.21 9.60
C GLU A 155 -7.37 -0.46 8.63
N PRO A 156 -7.56 0.11 7.42
CA PRO A 156 -6.91 1.32 6.91
C PRO A 156 -7.90 2.45 6.73
N VAL A 157 -7.36 3.65 6.60
CA VAL A 157 -8.06 4.81 6.03
C VAL A 157 -7.55 5.00 4.61
N THR A 158 -8.44 5.29 3.69
CA THR A 158 -7.96 5.77 2.39
C THR A 158 -8.35 7.22 2.20
N VAL A 159 -7.53 7.93 1.45
CA VAL A 159 -7.77 9.33 1.18
C VAL A 159 -7.71 9.56 -0.32
N SER A 160 -8.72 10.24 -0.85
CA SER A 160 -8.63 10.79 -2.19
C SER A 160 -8.80 12.30 -2.10
N TRP A 161 -8.53 12.98 -3.21
CA TRP A 161 -8.70 14.42 -3.30
C TRP A 161 -9.67 14.73 -4.43
N ASN A 162 -10.65 15.60 -4.15
CA ASN A 162 -11.61 16.06 -5.19
C ASN A 162 -12.24 14.84 -5.90
N SER A 163 -12.62 13.84 -5.09
CA SER A 163 -13.30 12.62 -5.55
C SER A 163 -12.48 11.87 -6.59
N GLY A 164 -11.16 11.94 -6.46
CA GLY A 164 -10.25 11.26 -7.33
C GLY A 164 -9.80 12.05 -8.54
N ALA A 165 -10.31 13.27 -8.74
CA ALA A 165 -9.85 14.05 -9.88
C ALA A 165 -8.51 14.71 -9.65
N LEU A 166 -8.03 14.75 -8.40
CA LEU A 166 -6.76 15.40 -8.09
C LEU A 166 -5.85 14.28 -7.60
N THR A 167 -4.88 13.88 -8.45
CA THR A 167 -3.95 12.80 -8.07
C THR A 167 -2.50 13.24 -8.17
N SER A 168 -2.18 14.14 -9.11
CA SER A 168 -0.81 14.60 -9.26
C SER A 168 -0.34 15.30 -7.99
N GLY A 169 0.87 14.97 -7.53
CA GLY A 169 1.42 15.70 -6.40
C GLY A 169 0.84 15.31 -5.06
N VAL A 170 -0.02 14.26 -5.01
CA VAL A 170 -0.56 13.79 -3.73
C VAL A 170 0.41 12.83 -3.05
N HIS A 171 0.60 12.99 -1.74
CA HIS A 171 1.27 11.96 -0.93
C HIS A 171 0.40 11.64 0.26
N THR A 172 0.01 10.38 0.40
CA THR A 172 -0.69 9.98 1.60
C THR A 172 0.26 9.09 2.39
N PHE A 173 0.60 9.51 3.58
CA PHE A 173 1.64 8.84 4.33
C PHE A 173 1.18 7.54 4.99
N PRO A 174 2.09 6.59 5.16
CA PRO A 174 1.75 5.40 5.98
C PRO A 174 1.30 5.84 7.37
N ALA A 175 0.33 5.09 7.93
CA ALA A 175 -0.17 5.41 9.24
C ALA A 175 0.89 5.15 10.31
N VAL A 176 0.81 5.93 11.37
CA VAL A 176 1.66 5.70 12.53
C VAL A 176 0.79 5.21 13.67
N LEU A 177 1.36 4.33 14.47
CA LEU A 177 0.72 3.76 15.64
C LEU A 177 0.97 4.68 16.84
N GLN A 178 -0.10 5.20 17.44
CA GLN A 178 0.07 5.99 18.66
C GLN A 178 0.12 5.11 19.91
N SER A 179 0.63 5.68 21.03
CA SER A 179 0.71 4.92 22.28
C SER A 179 -0.66 4.49 22.78
N SER A 180 -1.73 5.23 22.40
CA SER A 180 -3.09 4.80 22.69
C SER A 180 -3.49 3.52 22.00
N GLY A 181 -2.76 3.09 20.95
CA GLY A 181 -3.15 1.93 20.15
C GLY A 181 -3.97 2.32 18.93
N LEU A 182 -4.32 3.58 18.81
CA LEU A 182 -5.00 4.14 17.65
C LEU A 182 -4.00 4.63 16.61
N TYR A 183 -4.47 4.74 15.37
CA TYR A 183 -3.64 5.13 14.24
C TYR A 183 -3.93 6.58 13.84
N SER A 184 -2.96 7.17 13.15
CA SER A 184 -3.12 8.51 12.57
CA SER A 184 -3.13 8.51 12.56
C SER A 184 -2.34 8.54 11.27
N LEU A 185 -2.81 9.37 10.31
CA LEU A 185 -2.02 9.60 9.10
C LEU A 185 -2.32 11.01 8.60
N SER A 186 -1.51 11.45 7.64
CA SER A 186 -1.80 12.67 6.91
CA SER A 186 -1.80 12.68 6.91
C SER A 186 -1.72 12.42 5.42
N SER A 187 -2.41 13.27 4.66
CA SER A 187 -2.34 13.27 3.22
C SER A 187 -2.11 14.71 2.77
N VAL A 188 -1.17 14.92 1.87
CA VAL A 188 -0.83 16.27 1.41
C VAL A 188 -0.84 16.31 -0.10
N VAL A 189 -0.90 17.55 -0.63
CA VAL A 189 -0.86 17.75 -2.08
C VAL A 189 -0.22 19.10 -2.32
N THR A 190 0.53 19.20 -3.44
CA THR A 190 1.13 20.47 -3.88
C THR A 190 0.40 20.95 -5.12
N VAL A 191 0.07 22.24 -5.08
CA VAL A 191 -0.78 22.87 -6.10
C VAL A 191 -0.21 24.24 -6.45
N PRO A 192 -0.67 24.88 -7.53
CA PRO A 192 -0.23 26.27 -7.78
C PRO A 192 -0.63 27.22 -6.65
N SER A 193 0.31 28.09 -6.23
CA SER A 193 -0.15 29.07 -5.27
CA SER A 193 -0.03 29.18 -5.31
C SER A 193 -1.04 30.13 -5.93
N SER A 194 -0.95 30.32 -7.26
CA SER A 194 -1.69 31.39 -7.93
C SER A 194 -3.20 31.21 -7.87
N SER A 195 -3.67 29.98 -7.77
CA SER A 195 -5.10 29.72 -7.89
C SER A 195 -5.72 29.20 -6.60
N LEU A 196 -5.07 29.45 -5.44
CA LEU A 196 -5.71 29.08 -4.19
C LEU A 196 -7.04 29.78 -3.97
N GLY A 197 -7.26 30.93 -4.59
CA GLY A 197 -8.52 31.61 -4.44
C GLY A 197 -9.63 31.13 -5.35
N THR A 198 -9.33 30.31 -6.34
CA THR A 198 -10.33 29.94 -7.34
C THR A 198 -10.57 28.44 -7.39
N GLN A 199 -9.61 27.61 -6.94
CA GLN A 199 -9.81 26.16 -6.96
C GLN A 199 -10.25 25.68 -5.58
N THR A 200 -11.03 24.60 -5.56
CA THR A 200 -11.53 24.00 -4.32
C THR A 200 -10.80 22.67 -4.10
N TYR A 201 -10.25 22.45 -2.90
CA TYR A 201 -9.51 21.24 -2.57
C TYR A 201 -10.21 20.55 -1.42
N ILE A 202 -10.73 19.33 -1.67
CA ILE A 202 -11.49 18.61 -0.66
C ILE A 202 -10.83 17.26 -0.47
N CYS A 203 -10.46 16.91 0.78
CA CYS A 203 -9.97 15.54 1.01
C CYS A 203 -11.15 14.63 1.35
N ASN A 204 -11.18 13.47 0.72
CA ASN A 204 -12.28 12.52 0.91
C ASN A 204 -11.69 11.37 1.70
N VAL A 205 -12.11 11.24 2.94
CA VAL A 205 -11.53 10.26 3.87
C VAL A 205 -12.54 9.12 4.05
N ASN A 206 -12.10 7.88 3.85
CA ASN A 206 -12.99 6.74 4.03
C ASN A 206 -12.35 5.74 4.98
N HIS A 207 -13.02 5.49 6.09
CA HIS A 207 -12.58 4.45 7.00
C HIS A 207 -13.62 3.34 6.88
N LYS A 208 -13.41 2.42 5.94
CA LYS A 208 -14.45 1.41 5.70
C LYS A 208 -14.72 0.54 6.92
N PRO A 209 -13.73 0.21 7.77
CA PRO A 209 -14.04 -0.65 8.93
C PRO A 209 -15.11 -0.08 9.85
N SER A 210 -15.27 1.26 9.91
CA SER A 210 -16.31 1.89 10.73
C SER A 210 -17.42 2.50 9.90
N ASN A 211 -17.41 2.32 8.57
CA ASN A 211 -18.39 2.93 7.68
C ASN A 211 -18.41 4.47 7.85
N THR A 212 -17.23 5.07 8.07
CA THR A 212 -17.08 6.51 8.30
C THR A 212 -16.52 7.14 7.03
N LYS A 213 -17.26 8.10 6.46
CA LYS A 213 -16.80 8.89 5.32
C LYS A 213 -16.86 10.36 5.71
N VAL A 214 -15.78 11.10 5.46
CA VAL A 214 -15.71 12.52 5.78
C VAL A 214 -15.16 13.22 4.56
N ASP A 215 -15.82 14.32 4.14
CA ASP A 215 -15.27 15.15 3.08
C ASP A 215 -14.90 16.47 3.76
N LYS A 216 -13.63 16.90 3.67
CA LYS A 216 -13.22 18.14 4.34
C LYS A 216 -12.67 19.10 3.31
N LYS A 217 -13.34 20.26 3.15
CA LYS A 217 -12.81 21.31 2.29
C LYS A 217 -11.67 22.04 3.03
N VAL A 218 -10.52 22.17 2.38
CA VAL A 218 -9.34 22.79 2.99
C VAL A 218 -9.23 24.22 2.47
N GLU A 219 -9.47 25.20 3.35
CA GLU A 219 -9.49 26.62 2.99
C GLU A 219 -8.12 27.23 3.19
N PRO A 220 -7.72 28.13 2.30
CA PRO A 220 -6.44 28.80 2.48
C PRO A 220 -6.46 29.69 3.69
N LYS A 221 -5.27 29.82 4.32
CA LYS A 221 -5.04 30.81 5.37
C LYS A 221 -4.49 32.08 4.76
N SER A 222 -4.91 33.22 5.31
CA SER A 222 -4.36 34.52 4.89
C SER A 222 -4.13 35.38 6.13
N ASP B 1 5.52 -28.12 1.92
CA ASP B 1 5.25 -27.06 0.95
C ASP B 1 6.56 -26.62 0.32
N VAL B 2 6.59 -26.44 -1.00
CA VAL B 2 7.82 -26.04 -1.69
C VAL B 2 8.21 -24.65 -1.26
N VAL B 3 9.50 -24.46 -0.96
CA VAL B 3 10.04 -23.18 -0.52
C VAL B 3 10.63 -22.49 -1.74
N MET B 4 10.28 -21.21 -1.92
CA MET B 4 10.77 -20.41 -3.04
C MET B 4 11.70 -19.36 -2.46
N THR B 5 12.99 -19.39 -2.85
CA THR B 5 13.99 -18.51 -2.26
C THR B 5 14.42 -17.50 -3.31
N GLN B 6 14.07 -16.22 -3.10
CA GLN B 6 14.44 -15.14 -4.00
C GLN B 6 15.70 -14.44 -3.53
N SER B 7 16.44 -13.88 -4.48
CA SER B 7 17.63 -13.09 -4.20
CA SER B 7 17.58 -13.05 -4.17
C SER B 7 17.83 -12.10 -5.33
N PRO B 8 18.32 -10.89 -5.07
CA PRO B 8 18.48 -10.38 -3.71
C PRO B 8 17.13 -9.95 -3.15
N LEU B 9 17.09 -9.63 -1.86
CA LEU B 9 15.83 -9.13 -1.29
C LEU B 9 15.60 -7.65 -1.57
N SER B 10 16.67 -6.86 -1.70
CA SER B 10 16.58 -5.47 -2.11
CA SER B 10 16.60 -5.46 -2.08
C SER B 10 17.49 -5.25 -3.31
N LEU B 11 16.99 -4.53 -4.31
CA LEU B 11 17.72 -4.34 -5.55
C LEU B 11 17.71 -2.89 -5.98
N PRO B 12 18.72 -2.11 -5.56
CA PRO B 12 18.85 -0.71 -6.02
C PRO B 12 19.48 -0.69 -7.41
N VAL B 13 18.91 0.10 -8.31
CA VAL B 13 19.36 0.10 -9.70
CA VAL B 13 19.30 0.09 -9.73
C VAL B 13 19.31 1.51 -10.25
N THR B 14 20.29 1.85 -11.07
CA THR B 14 20.29 3.15 -11.75
CA THR B 14 20.29 3.15 -11.75
CA THR B 14 20.29 3.14 -11.76
C THR B 14 19.32 3.11 -12.93
N LEU B 15 18.60 4.20 -13.12
CA LEU B 15 17.65 4.28 -14.24
C LEU B 15 18.31 3.95 -15.57
N GLY B 16 17.66 3.05 -16.34
CA GLY B 16 18.16 2.66 -17.65
C GLY B 16 19.10 1.49 -17.64
N GLN B 17 19.47 1.02 -16.50
CA GLN B 17 20.35 -0.15 -16.39
C GLN B 17 19.52 -1.41 -16.24
N PRO B 18 20.09 -2.58 -16.57
CA PRO B 18 19.35 -3.83 -16.37
C PRO B 18 19.27 -4.25 -14.90
N ALA B 19 18.33 -5.15 -14.62
CA ALA B 19 18.17 -5.73 -13.31
C ALA B 19 17.82 -7.20 -13.45
N SER B 20 18.37 -8.03 -12.57
CA SER B 20 18.06 -9.46 -12.57
C SER B 20 17.57 -9.85 -11.18
N ILE B 21 16.44 -10.55 -11.13
CA ILE B 21 15.91 -11.11 -9.89
C ILE B 21 15.94 -12.63 -10.03
N PHE B 22 16.51 -13.32 -9.03
CA PHE B 22 16.68 -14.77 -9.08
CA PHE B 22 16.68 -14.77 -9.08
C PHE B 22 15.74 -15.51 -8.12
N CYS B 23 15.28 -16.71 -8.53
CA CYS B 23 14.38 -17.49 -7.68
C CYS B 23 14.83 -18.95 -7.74
N ARG B 24 15.00 -19.61 -6.59
CA ARG B 24 15.29 -21.05 -6.59
C ARG B 24 14.19 -21.80 -5.83
N SER B 25 13.68 -22.88 -6.41
CA SER B 25 12.67 -23.71 -5.78
C SER B 25 13.33 -24.90 -5.06
N SER B 26 12.66 -25.37 -3.99
CA SER B 26 13.19 -26.52 -3.24
C SER B 26 12.95 -27.87 -3.92
N GLN B 27 12.13 -27.91 -4.96
CA GLN B 27 11.91 -29.10 -5.78
C GLN B 27 11.85 -28.62 -7.23
N SER B 28 12.15 -29.51 -8.18
CA SER B 28 11.97 -29.17 -9.60
C SER B 28 10.52 -28.81 -9.90
N LEU B 29 10.33 -27.80 -10.74
CA LEU B 29 8.99 -27.36 -11.10
C LEU B 29 8.52 -27.94 -12.44
N VAL B 30 9.27 -28.88 -13.02
CA VAL B 30 8.80 -29.54 -14.25
C VAL B 30 7.65 -30.48 -13.89
N TYR B 31 6.52 -30.34 -14.61
CA TYR B 31 5.37 -31.21 -14.38
C TYR B 31 5.30 -32.30 -15.46
N SER B 32 4.52 -33.35 -15.19
CA SER B 32 4.45 -34.48 -16.12
C SER B 32 3.83 -34.15 -17.48
N ASP B 33 3.16 -33.00 -17.62
CA ASP B 33 2.62 -32.60 -18.92
C ASP B 33 3.64 -31.86 -19.78
N GLY B 34 4.88 -31.71 -19.30
CA GLY B 34 5.89 -31.03 -20.07
C GLY B 34 6.07 -29.56 -19.72
N ASN B 35 5.14 -28.99 -18.96
CA ASN B 35 5.17 -27.57 -18.64
C ASN B 35 5.86 -27.36 -17.29
N THR B 36 6.43 -26.17 -17.14
CA THR B 36 7.04 -25.73 -15.88
C THR B 36 6.25 -24.54 -15.35
N TYR B 37 5.60 -24.71 -14.21
CA TYR B 37 4.59 -23.75 -13.75
C TYR B 37 5.28 -22.78 -12.78
N LEU B 38 6.01 -21.84 -13.37
CA LEU B 38 6.72 -20.82 -12.61
C LEU B 38 6.24 -19.46 -13.12
N ASN B 39 5.78 -18.62 -12.19
CA ASN B 39 5.13 -17.37 -12.51
C ASN B 39 5.84 -16.24 -11.80
N TRP B 40 5.75 -15.04 -12.38
CA TRP B 40 6.19 -13.82 -11.69
C TRP B 40 5.07 -12.80 -11.54
N PHE B 41 5.05 -12.11 -10.38
CA PHE B 41 4.05 -11.09 -10.02
C PHE B 41 4.73 -9.80 -9.61
N GLN B 42 4.01 -8.69 -9.82
CA GLN B 42 4.50 -7.35 -9.49
C GLN B 42 3.50 -6.58 -8.64
N ARG B 43 4.00 -6.02 -7.53
CA ARG B 43 3.21 -5.11 -6.73
C ARG B 43 3.86 -3.72 -6.88
N ARG B 44 3.08 -2.74 -7.24
CA ARG B 44 3.54 -1.36 -7.40
C ARG B 44 2.80 -0.46 -6.43
N PRO B 45 3.41 0.66 -6.02
CA PRO B 45 2.70 1.63 -5.16
C PRO B 45 1.43 2.11 -5.82
N GLY B 46 0.31 2.03 -5.07
CA GLY B 46 -0.94 2.56 -5.54
C GLY B 46 -1.72 1.67 -6.49
N GLN B 47 -1.15 0.54 -6.90
CA GLN B 47 -1.75 -0.34 -7.91
C GLN B 47 -2.09 -1.71 -7.32
N SER B 48 -3.08 -2.39 -7.93
CA SER B 48 -3.31 -3.77 -7.56
C SER B 48 -2.12 -4.64 -8.02
N PRO B 49 -1.84 -5.73 -7.33
CA PRO B 49 -0.81 -6.65 -7.84
C PRO B 49 -1.25 -7.16 -9.20
N ARG B 50 -0.27 -7.60 -9.99
CA ARG B 50 -0.59 -8.20 -11.29
C ARG B 50 0.44 -9.27 -11.64
N ARG B 51 -0.01 -10.25 -12.42
CA ARG B 51 0.95 -11.20 -12.97
C ARG B 51 1.70 -10.53 -14.11
N LEU B 52 3.00 -10.80 -14.20
CA LEU B 52 3.85 -10.40 -15.33
C LEU B 52 4.14 -11.52 -16.30
N ILE B 53 4.43 -12.71 -15.76
CA ILE B 53 4.98 -13.85 -16.52
C ILE B 53 4.33 -15.13 -16.01
N TYR B 54 4.04 -16.05 -16.95
CA TYR B 54 3.62 -17.40 -16.57
C TYR B 54 4.40 -18.38 -17.42
N LYS B 55 4.41 -19.66 -16.98
CA LYS B 55 5.11 -20.74 -17.71
C LYS B 55 6.53 -20.30 -18.09
N VAL B 56 7.22 -19.72 -17.07
CA VAL B 56 8.63 -19.34 -17.08
C VAL B 56 8.91 -18.09 -17.89
N SER B 57 8.34 -18.00 -19.10
CA SER B 57 8.72 -16.98 -20.04
C SER B 57 7.60 -16.31 -20.82
N ASP B 58 6.34 -16.70 -20.63
CA ASP B 58 5.24 -16.09 -21.40
C ASP B 58 4.77 -14.81 -20.72
N ARG B 59 4.62 -13.71 -21.48
CA ARG B 59 4.34 -12.39 -20.89
C ARG B 59 2.83 -12.09 -20.96
N ASP B 60 2.30 -11.51 -19.88
CA ASP B 60 0.91 -11.12 -19.82
C ASP B 60 0.57 -9.84 -20.62
N SER B 61 -0.72 -9.72 -20.95
CA SER B 61 -1.23 -8.50 -21.56
C SER B 61 -0.90 -7.26 -20.73
N GLY B 62 -0.48 -6.18 -21.41
CA GLY B 62 -0.20 -4.94 -20.73
C GLY B 62 1.14 -4.89 -20.02
N VAL B 63 1.99 -5.90 -20.21
CA VAL B 63 3.30 -5.97 -19.55
C VAL B 63 4.36 -5.56 -20.57
N PRO B 64 5.17 -4.54 -20.30
CA PRO B 64 6.12 -4.09 -21.32
C PRO B 64 7.17 -5.14 -21.63
N ASP B 65 7.71 -5.04 -22.86
CA ASP B 65 8.60 -6.07 -23.35
C ASP B 65 9.99 -6.00 -22.71
N ARG B 66 10.28 -4.95 -21.92
CA ARG B 66 11.51 -4.96 -21.16
C ARG B 66 11.54 -6.03 -20.08
N PHE B 67 10.38 -6.64 -19.76
CA PHE B 67 10.33 -7.75 -18.79
C PHE B 67 10.44 -9.08 -19.54
N SER B 68 11.33 -9.97 -19.07
CA SER B 68 11.37 -11.33 -19.62
C SER B 68 11.74 -12.33 -18.52
N GLY B 69 11.38 -13.59 -18.74
CA GLY B 69 11.68 -14.63 -17.78
C GLY B 69 12.45 -15.75 -18.45
N SER B 70 13.30 -16.40 -17.66
CA SER B 70 14.04 -17.55 -18.14
C SER B 70 14.30 -18.51 -16.99
N GLY B 71 14.89 -19.67 -17.32
CA GLY B 71 15.29 -20.64 -16.32
C GLY B 71 14.68 -21.99 -16.60
N SER B 72 15.00 -22.94 -15.72
CA SER B 72 14.49 -24.31 -15.86
C SER B 72 14.70 -25.08 -14.55
N GLY B 73 13.89 -26.11 -14.36
CA GLY B 73 14.06 -27.00 -13.23
C GLY B 73 13.77 -26.34 -11.91
N THR B 74 14.83 -25.93 -11.20
CA THR B 74 14.73 -25.25 -9.90
C THR B 74 15.17 -23.79 -9.93
N ASP B 75 15.77 -23.30 -11.02
CA ASP B 75 16.41 -21.97 -11.02
C ASP B 75 15.83 -21.08 -12.12
N PHE B 76 15.40 -19.87 -11.74
CA PHE B 76 14.67 -18.99 -12.65
C PHE B 76 15.10 -17.54 -12.45
N THR B 77 14.97 -16.74 -13.51
CA THR B 77 15.39 -15.33 -13.44
C THR B 77 14.36 -14.46 -14.12
N LEU B 78 13.99 -13.36 -13.46
CA LEU B 78 13.21 -12.28 -14.05
C LEU B 78 14.21 -11.19 -14.45
N GLN B 79 14.19 -10.78 -15.72
CA GLN B 79 15.11 -9.81 -16.24
C GLN B 79 14.34 -8.56 -16.63
N ILE B 80 14.83 -7.39 -16.21
CA ILE B 80 14.37 -6.12 -16.74
C ILE B 80 15.51 -5.56 -17.57
N SER B 81 15.26 -5.32 -18.87
CA SER B 81 16.36 -4.98 -19.77
C SER B 81 16.88 -3.58 -19.52
N ARG B 82 16.00 -2.64 -19.18
CA ARG B 82 16.34 -1.24 -18.91
C ARG B 82 15.32 -0.79 -17.89
N VAL B 83 15.72 -0.58 -16.63
CA VAL B 83 14.75 -0.23 -15.60
C VAL B 83 14.26 1.19 -15.80
N GLU B 84 12.94 1.38 -15.69
CA GLU B 84 12.32 2.69 -15.72
C GLU B 84 11.79 3.08 -14.35
N ALA B 85 11.57 4.39 -14.16
CA ALA B 85 11.13 4.88 -12.85
C ALA B 85 9.84 4.17 -12.41
N GLU B 86 8.96 3.86 -13.37
CA GLU B 86 7.68 3.23 -13.06
C GLU B 86 7.80 1.76 -12.64
N ASP B 87 9.00 1.18 -12.66
CA ASP B 87 9.19 -0.22 -12.27
C ASP B 87 9.48 -0.37 -10.78
N VAL B 88 9.51 0.71 -9.99
CA VAL B 88 9.67 0.52 -8.56
C VAL B 88 8.50 -0.27 -7.97
N GLY B 89 8.82 -1.14 -7.03
CA GLY B 89 7.83 -2.03 -6.46
C GLY B 89 8.47 -3.32 -5.96
N VAL B 90 7.64 -4.31 -5.72
CA VAL B 90 8.12 -5.59 -5.20
C VAL B 90 7.72 -6.69 -6.18
N TYR B 91 8.67 -7.58 -6.48
CA TYR B 91 8.48 -8.65 -7.48
C TYR B 91 8.55 -9.98 -6.79
N TYR B 92 7.61 -10.89 -7.11
CA TYR B 92 7.50 -12.20 -6.43
C TYR B 92 7.48 -13.31 -7.47
N CYS B 93 8.22 -14.38 -7.21
CA CYS B 93 7.97 -15.61 -7.97
C CYS B 93 6.91 -16.47 -7.26
N MET B 94 6.28 -17.35 -8.03
CA MET B 94 5.29 -18.24 -7.47
CA MET B 94 5.27 -18.24 -7.48
C MET B 94 5.35 -19.53 -8.26
N GLN B 95 5.47 -20.65 -7.56
CA GLN B 95 5.39 -21.95 -8.23
C GLN B 95 3.99 -22.53 -8.10
N GLY B 96 3.54 -23.13 -9.20
CA GLY B 96 2.24 -23.78 -9.20
C GLY B 96 2.27 -25.28 -9.51
N THR B 97 3.45 -25.87 -9.66
CA THR B 97 3.58 -27.31 -9.97
C THR B 97 3.20 -28.21 -8.80
N HIS B 98 3.46 -27.78 -7.58
CA HIS B 98 3.27 -28.57 -6.36
C HIS B 98 2.19 -27.95 -5.47
N TRP B 99 1.52 -28.80 -4.67
CA TRP B 99 0.42 -28.36 -3.83
C TRP B 99 0.92 -28.00 -2.44
N PRO B 100 0.56 -26.83 -1.90
CA PRO B 100 -0.19 -25.73 -2.52
C PRO B 100 0.75 -24.84 -3.30
N PRO B 101 0.22 -24.00 -4.18
CA PRO B 101 1.09 -22.98 -4.79
C PRO B 101 1.74 -22.15 -3.70
N THR B 102 3.00 -21.77 -3.93
CA THR B 102 3.75 -20.99 -2.96
C THR B 102 4.51 -19.87 -3.65
N PHE B 103 4.69 -18.78 -2.91
CA PHE B 103 5.36 -17.57 -3.35
C PHE B 103 6.74 -17.43 -2.71
N GLY B 104 7.64 -16.77 -3.43
CA GLY B 104 8.89 -16.27 -2.85
C GLY B 104 8.63 -15.07 -1.92
N GLN B 105 9.69 -14.60 -1.18
CA GLN B 105 9.55 -13.52 -0.23
C GLN B 105 9.45 -12.13 -0.85
N GLY B 106 9.76 -11.99 -2.14
CA GLY B 106 9.69 -10.71 -2.82
C GLY B 106 11.04 -10.03 -2.87
N THR B 107 11.29 -9.33 -3.96
CA THR B 107 12.48 -8.47 -4.15
C THR B 107 11.97 -7.07 -4.36
N LYS B 108 12.44 -6.12 -3.55
CA LYS B 108 12.05 -4.73 -3.73
C LYS B 108 13.05 -4.04 -4.65
N VAL B 109 12.56 -3.47 -5.73
CA VAL B 109 13.37 -2.67 -6.66
C VAL B 109 13.23 -1.21 -6.29
N GLU B 110 14.36 -0.53 -6.16
CA GLU B 110 14.32 0.91 -5.98
C GLU B 110 15.31 1.58 -6.91
N ILE B 111 15.04 2.83 -7.26
CA ILE B 111 15.83 3.53 -8.24
C ILE B 111 16.89 4.33 -7.49
N LYS B 112 18.15 4.25 -7.95
CA LYS B 112 19.20 5.16 -7.48
C LYS B 112 19.22 6.36 -8.41
N ARG B 113 18.96 7.54 -7.86
CA ARG B 113 18.90 8.77 -8.67
C ARG B 113 19.80 9.81 -8.01
N THR B 114 19.84 11.00 -8.62
CA THR B 114 20.65 12.10 -8.08
C THR B 114 20.05 12.64 -6.79
N VAL B 115 20.93 13.26 -5.99
CA VAL B 115 20.48 13.87 -4.75
C VAL B 115 19.47 14.98 -5.06
N ALA B 116 18.41 15.01 -4.26
CA ALA B 116 17.37 16.05 -4.28
C ALA B 116 17.07 16.51 -2.86
N ALA B 117 17.27 17.81 -2.58
CA ALA B 117 16.94 18.37 -1.27
C ALA B 117 15.43 18.42 -1.04
N PRO B 118 14.96 18.22 0.19
CA PRO B 118 13.53 18.37 0.46
C PRO B 118 13.08 19.80 0.38
N SER B 119 11.84 19.97 -0.03
CA SER B 119 11.10 21.22 0.22
CA SER B 119 11.14 21.23 0.23
C SER B 119 10.43 21.08 1.57
N VAL B 120 10.62 22.05 2.48
CA VAL B 120 10.21 21.91 3.87
C VAL B 120 9.08 22.89 4.18
N PHE B 121 7.97 22.37 4.74
CA PHE B 121 6.79 23.18 5.04
C PHE B 121 6.31 22.87 6.43
N ILE B 122 5.60 23.82 7.07
CA ILE B 122 5.08 23.59 8.41
C ILE B 122 3.62 24.03 8.47
N PHE B 123 2.83 23.29 9.24
CA PHE B 123 1.39 23.52 9.43
C PHE B 123 1.09 23.63 10.92
N PRO B 124 0.60 24.75 11.41
CA PRO B 124 0.15 24.83 12.82
C PRO B 124 -1.10 23.99 13.01
N PRO B 125 -1.50 23.70 14.26
CA PRO B 125 -2.79 23.02 14.48
C PRO B 125 -3.94 23.85 13.93
N SER B 126 -4.97 23.14 13.44
CA SER B 126 -6.20 23.81 13.06
C SER B 126 -6.98 24.30 14.29
N ASP B 127 -7.80 25.32 14.08
CA ASP B 127 -8.63 25.78 15.19
C ASP B 127 -9.66 24.72 15.58
N GLU B 128 -10.08 23.90 14.61
CA GLU B 128 -11.02 22.83 14.93
C GLU B 128 -10.41 21.80 15.87
N GLN B 129 -9.14 21.42 15.62
CA GLN B 129 -8.49 20.49 16.54
C GLN B 129 -8.26 21.14 17.89
N LEU B 130 -7.86 22.42 17.91
CA LEU B 130 -7.61 23.07 19.19
C LEU B 130 -8.85 23.07 20.06
N LYS B 131 -10.03 23.29 19.46
CA LYS B 131 -11.27 23.24 20.22
C LYS B 131 -11.51 21.87 20.86
N SER B 132 -10.84 20.84 20.40
CA SER B 132 -11.04 19.51 20.97
C SER B 132 -10.04 19.17 22.07
N GLY B 133 -9.02 20.00 22.29
CA GLY B 133 -8.09 19.85 23.40
C GLY B 133 -6.69 19.34 23.05
N THR B 134 -6.36 19.22 21.77
CA THR B 134 -5.06 18.72 21.34
CA THR B 134 -5.07 18.70 21.33
C THR B 134 -4.54 19.60 20.22
N ALA B 135 -3.21 19.65 20.10
CA ALA B 135 -2.56 20.42 19.05
C ALA B 135 -1.56 19.51 18.35
N SER B 136 -1.77 19.23 17.07
CA SER B 136 -0.80 18.54 16.24
C SER B 136 -0.16 19.56 15.32
N VAL B 137 1.17 19.61 15.31
CA VAL B 137 1.93 20.47 14.42
C VAL B 137 2.62 19.56 13.41
N VAL B 138 2.45 19.83 12.11
CA VAL B 138 3.01 18.95 11.06
C VAL B 138 4.15 19.61 10.31
N CYS B 139 5.27 18.90 10.20
CA CYS B 139 6.38 19.31 9.36
C CYS B 139 6.45 18.37 8.16
N LEU B 140 6.46 18.92 6.94
CA LEU B 140 6.44 18.11 5.71
C LEU B 140 7.78 18.31 4.99
N LEU B 141 8.43 17.19 4.63
CA LEU B 141 9.63 17.18 3.78
C LEU B 141 9.18 16.56 2.46
N ASN B 142 9.12 17.35 1.40
CA ASN B 142 8.59 16.86 0.14
C ASN B 142 9.66 16.58 -0.91
N ASN B 143 9.56 15.40 -1.52
CA ASN B 143 10.25 15.05 -2.77
C ASN B 143 11.78 15.19 -2.67
N PHE B 144 12.35 14.31 -1.85
CA PHE B 144 13.80 14.31 -1.62
C PHE B 144 14.42 12.92 -1.87
N TYR B 145 15.74 12.94 -2.01
CA TYR B 145 16.53 11.73 -2.26
C TYR B 145 17.97 11.98 -1.83
N PRO B 146 18.63 11.07 -1.11
CA PRO B 146 18.16 9.75 -0.64
C PRO B 146 17.17 9.83 0.52
N ARG B 147 16.76 8.66 0.99
CA ARG B 147 15.66 8.61 1.96
C ARG B 147 16.10 9.08 3.34
N GLU B 148 17.40 9.06 3.65
CA GLU B 148 17.87 9.42 4.97
C GLU B 148 17.67 10.93 5.22
N ALA B 149 16.99 11.26 6.32
CA ALA B 149 16.75 12.65 6.72
C ALA B 149 16.60 12.70 8.23
N LYS B 150 16.97 13.83 8.82
CA LYS B 150 16.87 14.04 10.26
C LYS B 150 15.95 15.23 10.49
N VAL B 151 14.93 15.06 11.33
CA VAL B 151 14.02 16.13 11.68
C VAL B 151 14.11 16.31 13.18
N GLN B 152 14.28 17.57 13.62
CA GLN B 152 14.25 17.91 15.03
C GLN B 152 13.24 19.02 15.27
N TRP B 153 12.52 18.91 16.38
CA TRP B 153 11.56 19.92 16.80
C TRP B 153 12.16 20.79 17.88
N LYS B 154 11.96 22.09 17.76
CA LYS B 154 12.33 23.02 18.83
C LYS B 154 11.11 23.85 19.20
N VAL B 155 10.84 24.00 20.49
CA VAL B 155 9.69 24.79 20.94
C VAL B 155 10.28 25.87 21.84
N ASP B 156 10.17 27.13 21.43
CA ASP B 156 10.85 28.22 22.12
C ASP B 156 12.34 27.91 22.30
N ASN B 157 12.93 27.37 21.23
CA ASN B 157 14.32 26.92 21.11
C ASN B 157 14.67 25.72 21.98
N ALA B 158 13.70 25.12 22.67
CA ALA B 158 13.96 23.93 23.48
C ALA B 158 13.80 22.72 22.57
N LEU B 159 14.87 21.93 22.44
CA LEU B 159 14.77 20.68 21.71
C LEU B 159 13.76 19.75 22.36
N GLN B 160 12.85 19.23 21.55
CA GLN B 160 11.79 18.33 21.97
C GLN B 160 12.27 16.89 21.85
N SER B 161 11.77 16.05 22.75
CA SER B 161 11.96 14.61 22.61
C SER B 161 10.76 13.91 23.20
N GLY B 162 10.29 12.89 22.52
CA GLY B 162 9.24 12.07 23.08
C GLY B 162 7.83 12.42 22.65
N ASN B 163 7.63 13.51 21.92
CA ASN B 163 6.27 13.89 21.55
C ASN B 163 6.06 14.00 20.04
N SER B 164 6.90 13.34 19.23
CA SER B 164 6.72 13.40 17.78
C SER B 164 6.79 12.00 17.18
N GLN B 165 6.15 11.90 16.01
CA GLN B 165 6.20 10.66 15.22
C GLN B 165 6.39 10.98 13.75
N GLU B 166 7.14 10.13 13.02
CA GLU B 166 7.48 10.33 11.62
C GLU B 166 6.92 9.17 10.80
N SER B 167 6.67 9.46 9.52
CA SER B 167 6.32 8.44 8.53
C SER B 167 6.94 8.81 7.18
N VAL B 168 7.51 7.86 6.41
CA VAL B 168 8.07 8.13 5.08
C VAL B 168 7.28 7.34 4.04
N THR B 169 7.13 7.94 2.84
CA THR B 169 6.46 7.23 1.75
C THR B 169 7.32 6.16 1.10
N GLU B 170 6.67 5.30 0.30
CA GLU B 170 7.40 4.50 -0.69
C GLU B 170 8.01 5.42 -1.75
N GLN B 171 9.01 4.93 -2.47
CA GLN B 171 9.61 5.73 -3.54
C GLN B 171 8.56 6.03 -4.65
N ASP B 172 8.56 7.29 -5.09
CA ASP B 172 7.64 7.73 -6.13
C ASP B 172 7.93 7.08 -7.48
N SER B 173 6.84 6.68 -8.20
CA SER B 173 6.97 5.99 -9.49
CA SER B 173 6.96 5.99 -9.49
C SER B 173 7.29 6.92 -10.65
N LYS B 174 7.30 8.24 -10.44
CA LYS B 174 7.63 9.16 -11.53
C LYS B 174 8.96 9.86 -11.30
N ASP B 175 9.25 10.36 -10.10
CA ASP B 175 10.49 11.11 -9.93
C ASP B 175 11.47 10.43 -8.97
N SER B 176 11.12 9.25 -8.47
CA SER B 176 12.01 8.39 -7.68
C SER B 176 12.46 9.05 -6.37
N THR B 177 11.62 9.94 -5.85
CA THR B 177 11.88 10.57 -4.55
C THR B 177 11.01 10.01 -3.45
N TYR B 178 11.34 10.42 -2.22
CA TYR B 178 10.57 10.12 -1.01
C TYR B 178 9.98 11.38 -0.44
N SER B 179 8.94 11.24 0.39
CA SER B 179 8.47 12.37 1.18
C SER B 179 8.30 11.88 2.60
N LEU B 180 8.31 12.81 3.55
CA LEU B 180 8.25 12.43 4.96
C LEU B 180 7.42 13.45 5.72
N SER B 181 6.63 12.98 6.69
CA SER B 181 5.94 13.88 7.60
C SER B 181 6.42 13.59 9.02
N SER B 182 6.57 14.65 9.82
CA SER B 182 6.86 14.55 11.24
C SER B 182 5.79 15.35 11.99
N THR B 183 5.12 14.73 12.95
CA THR B 183 4.00 15.36 13.67
C THR B 183 4.36 15.48 15.15
N LEU B 184 4.30 16.70 15.68
CA LEU B 184 4.50 17.01 17.08
C LEU B 184 3.12 17.14 17.70
N THR B 185 2.84 16.39 18.78
CA THR B 185 1.52 16.42 19.38
C THR B 185 1.61 16.88 20.83
N LEU B 186 0.83 17.89 21.19
CA LEU B 186 0.80 18.43 22.53
C LEU B 186 -0.62 18.61 22.98
N SER B 187 -0.82 18.67 24.30
CA SER B 187 -2.13 19.12 24.78
C SER B 187 -2.34 20.59 24.40
N LYS B 188 -3.61 21.00 24.36
CA LYS B 188 -3.90 22.40 24.05
C LYS B 188 -3.28 23.33 25.09
N ALA B 189 -3.36 22.95 26.36
CA ALA B 189 -2.78 23.77 27.41
C ALA B 189 -1.28 23.92 27.21
N ASP B 190 -0.57 22.82 26.89
CA ASP B 190 0.87 22.93 26.68
C ASP B 190 1.17 23.76 25.44
N TYR B 191 0.40 23.56 24.37
CA TYR B 191 0.60 24.33 23.15
C TYR B 191 0.54 25.83 23.43
N GLU B 192 -0.43 26.26 24.24
CA GLU B 192 -0.66 27.66 24.55
C GLU B 192 0.37 28.25 25.50
N LYS B 193 1.29 27.43 26.02
CA LYS B 193 2.34 27.94 26.92
C LYS B 193 3.57 28.46 26.18
N HIS B 194 3.65 28.30 24.87
CA HIS B 194 4.86 28.61 24.12
C HIS B 194 4.51 29.36 22.84
N LYS B 195 5.53 30.01 22.27
CA LYS B 195 5.31 30.88 21.13
C LYS B 195 5.87 30.31 19.84
N VAL B 196 7.17 29.98 19.79
CA VAL B 196 7.82 29.60 18.54
C VAL B 196 7.83 28.09 18.39
N TYR B 197 7.31 27.63 17.27
CA TYR B 197 7.30 26.22 16.93
C TYR B 197 8.14 26.05 15.68
N ALA B 198 9.19 25.20 15.75
CA ALA B 198 10.15 25.09 14.65
C ALA B 198 10.47 23.64 14.36
N CYS B 199 10.66 23.31 13.09
CA CYS B 199 11.25 22.03 12.76
C CYS B 199 12.51 22.29 11.96
N GLU B 200 13.55 21.56 12.31
CA GLU B 200 14.86 21.71 11.67
C GLU B 200 15.20 20.43 10.93
N VAL B 201 15.53 20.57 9.64
CA VAL B 201 15.74 19.42 8.75
C VAL B 201 17.19 19.36 8.28
N THR B 202 17.78 18.18 8.40
CA THR B 202 19.12 17.88 7.95
C THR B 202 19.03 16.84 6.85
N HIS B 203 19.71 17.07 5.73
CA HIS B 203 19.64 16.14 4.59
C HIS B 203 20.85 16.38 3.69
N GLN B 204 21.28 15.32 2.98
CA GLN B 204 22.46 15.41 2.10
C GLN B 204 22.37 16.53 1.07
N GLY B 205 21.18 16.88 0.63
CA GLY B 205 21.04 17.91 -0.41
C GLY B 205 21.00 19.32 0.10
N LEU B 206 21.08 19.49 1.42
CA LEU B 206 21.11 20.81 2.07
C LEU B 206 22.51 21.09 2.60
N SER B 207 23.08 22.27 2.26
CA SER B 207 24.43 22.57 2.74
C SER B 207 24.49 22.77 4.25
N SER B 208 23.39 23.12 4.87
CA SER B 208 23.30 23.24 6.33
C SER B 208 21.85 23.03 6.70
N PRO B 209 21.56 22.73 7.95
CA PRO B 209 20.17 22.39 8.29
C PRO B 209 19.23 23.55 8.02
N VAL B 210 18.03 23.26 7.56
CA VAL B 210 17.02 24.30 7.30
C VAL B 210 15.96 24.26 8.39
N THR B 211 15.58 25.45 8.86
CA THR B 211 14.57 25.59 9.90
C THR B 211 13.33 26.25 9.31
N LYS B 212 12.18 25.65 9.58
CA LYS B 212 10.90 26.26 9.25
C LYS B 212 10.12 26.45 10.55
N SER B 213 9.52 27.61 10.76
CA SER B 213 8.93 27.89 12.06
C SER B 213 7.71 28.79 11.93
N PHE B 214 6.95 28.90 13.03
CA PHE B 214 5.87 29.89 13.12
C PHE B 214 5.68 30.30 14.58
N ASN B 215 5.04 31.45 14.78
CA ASN B 215 4.68 31.95 16.10
C ASN B 215 3.20 31.69 16.34
N ARG B 216 2.88 30.97 17.42
CA ARG B 216 1.49 30.67 17.73
C ARG B 216 0.67 31.95 17.78
N GLY B 217 -0.42 31.98 17.02
CA GLY B 217 -1.29 33.15 16.98
C GLY B 217 -0.79 34.31 16.12
N PRO C 4 -7.46 -34.86 -3.61
CA PRO C 4 -8.02 -33.76 -2.79
C PRO C 4 -7.50 -32.40 -3.23
N ASN C 5 -6.59 -32.37 -4.19
CA ASN C 5 -5.98 -31.10 -4.62
C ASN C 5 -6.29 -30.90 -6.10
N ALA C 6 -6.12 -29.66 -6.54
CA ALA C 6 -6.17 -29.33 -7.96
C ALA C 6 -4.79 -29.51 -8.56
N ASN C 7 -4.71 -30.27 -9.65
CA ASN C 7 -3.47 -30.44 -10.38
C ASN C 7 -3.09 -29.16 -11.14
N PRO C 8 -1.80 -28.97 -11.43
CA PRO C 8 -1.39 -27.74 -12.12
C PRO C 8 -1.99 -27.54 -13.51
N ASN C 9 -2.35 -28.61 -14.19
CA ASN C 9 -2.99 -28.50 -15.50
C ASN C 9 -4.51 -28.47 -15.40
N ALA C 10 -5.09 -28.43 -14.21
CA ALA C 10 -6.54 -28.30 -14.13
C ALA C 10 -6.98 -26.95 -14.66
N ASN C 11 -8.12 -26.93 -15.32
CA ASN C 11 -8.65 -25.68 -15.87
C ASN C 11 -9.91 -25.30 -15.11
N PRO C 12 -9.89 -24.25 -14.31
CA PRO C 12 -11.07 -23.81 -13.56
C PRO C 12 -11.99 -22.88 -14.34
N ASN C 13 -11.68 -22.62 -15.60
CA ASN C 13 -12.41 -21.65 -16.41
C ASN C 13 -13.39 -22.35 -17.35
N ALA C 14 -14.27 -21.55 -17.93
CA ALA C 14 -15.29 -22.11 -18.85
C ALA C 14 -14.69 -22.63 -20.16
C1 EDO D . -7.07 0.04 19.61
O1 EDO D . -7.91 0.62 20.63
C2 EDO D . -5.85 -0.64 20.21
O2 EDO D . -6.19 -1.69 21.12
C1 EDO E . -2.88 -20.30 -18.22
O1 EDO E . -1.83 -21.25 -18.47
C2 EDO E . -2.19 -18.92 -18.40
O2 EDO E . -2.98 -17.78 -18.00
C1 EDO F . 1.00 10.99 11.68
O1 EDO F . 1.84 11.47 12.72
C2 EDO F . -0.05 12.07 11.38
O2 EDO F . 0.55 13.14 10.59
C1 EDO G . -2.02 -9.24 -15.68
O1 EDO G . -0.88 -8.37 -15.90
C2 EDO G . -3.12 -8.70 -16.57
O2 EDO G . -2.79 -9.03 -17.94
C1 EDO H . 14.61 9.08 7.10
O1 EDO H . 13.65 8.75 6.08
C2 EDO H . 13.87 9.14 8.43
O2 EDO H . 14.04 10.37 9.11
C1 EDO I . 11.14 26.19 1.37
O1 EDO I . 10.47 26.22 2.65
C2 EDO I . 11.54 24.79 0.92
O2 EDO I . 12.51 24.14 1.77
C1 EDO J . 21.72 13.65 6.33
O1 EDO J . 23.03 13.65 6.93
C2 EDO J . 20.80 12.73 7.15
O2 EDO J . 20.74 13.27 8.49
#